data_3K5V
#
_entry.id   3K5V
#
_cell.length_a   42.070
_cell.length_b   65.268
_cell.length_c   66.259
_cell.angle_alpha   72.82
_cell.angle_beta   80.25
_cell.angle_gamma   84.86
#
_symmetry.space_group_name_H-M   'P 1'
#
loop_
_entity.id
_entity.type
_entity.pdbx_description
1 polymer 'Tyrosine-protein kinase ABL1'
2 non-polymer 3-(6-{[4-(trifluoromethoxy)phenyl]amino}pyrimidin-4-yl)benzamide
3 non-polymer 4-(4-METHYL-PIPERAZIN-1-YLMETHYL)-N-[4-METHYL-3-(4-PYRIDIN-3-YL-PYRIMIDIN-2-YLAMINO)-PHENYL]-BENZAMIDE
4 non-polymer 'CHLORIDE ION'
5 water water
#
_entity_poly.entity_id   1
_entity_poly.type   'polypeptide(L)'
_entity_poly.pdbx_seq_one_letter_code
;GAMDPSSPNYDKWEMERTDITMKHKLGGGQYGEVYEGVWKKYSLTVAVKTLKEDTMEVEEFLKEAAVMKEIKHPNLVQLL
GVCTREPPFYIITEFMTYGNLLDYLRECNRQEVSAVVLLYMATQISSAMEYLEKKNFIHRDLAARNCLVGENHLVKVADF
GLSRLMTGDTYTAHAGAKFPIKWTAPESLAYNKFSIKSDVWAFGVLLWEIATYGMSPYPGIDLSQVYELLEKDYRMERPE
GCPEKVYELMRACWQWNPSDRPSFAEIHQAFETMFQESSISDEVEKELGKRGT
;
_entity_poly.pdbx_strand_id   A,B
#
# COMPACT_ATOMS: atom_id res chain seq x y z
N ALA A 2 26.66 -33.47 3.08
CA ALA A 2 26.50 -32.01 3.40
C ALA A 2 25.03 -31.57 3.42
N MET A 3 24.16 -32.36 2.82
CA MET A 3 22.74 -32.00 2.66
C MET A 3 21.92 -32.22 3.93
N ASP A 4 22.50 -32.93 4.89
CA ASP A 4 21.79 -33.24 6.12
C ASP A 4 22.16 -32.25 7.23
N PRO A 5 21.16 -31.85 8.06
CA PRO A 5 21.35 -30.81 9.07
C PRO A 5 22.42 -31.15 10.10
N SER A 6 22.63 -32.43 10.36
CA SER A 6 23.65 -32.89 11.30
C SER A 6 25.07 -32.57 10.83
N SER A 7 25.25 -32.44 9.51
CA SER A 7 26.56 -32.16 8.92
C SER A 7 27.13 -30.78 9.27
N PRO A 8 28.42 -30.75 9.64
CA PRO A 8 29.19 -29.51 9.79
C PRO A 8 29.25 -28.71 8.47
N ASN A 9 28.99 -29.38 7.36
CA ASN A 9 29.04 -28.75 6.04
C ASN A 9 27.66 -28.24 5.56
N TYR A 10 26.68 -28.26 6.45
CA TYR A 10 25.31 -27.86 6.10
C TYR A 10 25.17 -26.40 5.69
N ASP A 11 24.39 -26.18 4.64
CA ASP A 11 24.00 -24.84 4.20
C ASP A 11 22.52 -24.92 3.82
N LYS A 12 21.68 -24.16 4.54
CA LYS A 12 20.23 -24.24 4.34
C LYS A 12 19.81 -23.85 2.92
N TRP A 13 20.67 -23.14 2.21
CA TRP A 13 20.32 -22.64 0.86
C TRP A 13 20.63 -23.65 -0.23
N GLU A 14 21.50 -24.61 0.07
CA GLU A 14 21.91 -25.57 -0.93
C GLU A 14 20.78 -26.55 -1.23
N MET A 15 20.38 -26.64 -2.49
CA MET A 15 19.32 -27.58 -2.82
C MET A 15 19.78 -28.68 -3.77
N GLU A 16 18.97 -29.73 -3.88
CA GLU A 16 19.24 -30.84 -4.77
C GLU A 16 18.92 -30.44 -6.20
N ARG A 17 19.94 -30.50 -7.06
CA ARG A 17 19.82 -30.12 -8.47
C ARG A 17 18.70 -30.91 -9.18
N THR A 18 18.56 -32.19 -8.82
CA THR A 18 17.55 -33.05 -9.42
C THR A 18 16.13 -32.67 -9.00
N ASP A 19 16.00 -31.82 -7.98
CA ASP A 19 14.69 -31.29 -7.59
C ASP A 19 14.15 -30.27 -8.60
N ILE A 20 15.02 -29.77 -9.48
CA ILE A 20 14.63 -28.79 -10.49
C ILE A 20 14.70 -29.37 -11.89
N THR A 21 13.61 -29.23 -12.64
CA THR A 21 13.57 -29.60 -14.06
C THR A 21 13.84 -28.36 -14.90
N MET A 22 14.98 -28.36 -15.60
CA MET A 22 15.40 -27.21 -16.40
C MET A 22 14.67 -27.18 -17.74
N LYS A 23 14.09 -26.03 -18.06
CA LYS A 23 13.39 -25.82 -19.33
C LYS A 23 14.28 -24.93 -20.20
N HIS A 24 13.65 -24.10 -21.04
CA HIS A 24 14.38 -23.28 -21.99
C HIS A 24 15.00 -22.03 -21.35
N LYS A 25 15.88 -21.38 -22.10
CA LYS A 25 16.43 -20.07 -21.77
C LYS A 25 15.30 -19.04 -21.65
N LEU A 26 15.40 -18.13 -20.70
CA LEU A 26 14.37 -17.11 -20.50
C LEU A 26 14.51 -15.94 -21.45
N GLY A 27 13.36 -15.40 -21.87
CA GLY A 27 13.30 -14.17 -22.67
C GLY A 27 14.14 -14.15 -23.94
N GLY A 28 14.16 -15.27 -24.66
CA GLY A 28 14.89 -15.37 -25.92
C GLY A 28 16.40 -15.45 -25.77
N GLY A 29 16.90 -15.01 -24.62
CA GLY A 29 18.35 -14.94 -24.38
C GLY A 29 18.76 -13.60 -23.79
N GLN A 30 17.78 -12.73 -23.55
CA GLN A 30 18.04 -11.36 -23.10
C GLN A 30 18.69 -11.29 -21.70
N TYR A 31 18.67 -12.41 -20.97
CA TYR A 31 19.20 -12.45 -19.61
C TYR A 31 20.48 -13.27 -19.47
N GLY A 32 21.07 -13.63 -20.61
CA GLY A 32 22.22 -14.51 -20.60
C GLY A 32 21.77 -15.89 -20.19
N GLU A 33 22.56 -16.50 -19.32
CA GLU A 33 22.38 -17.88 -18.90
C GLU A 33 21.36 -17.99 -17.77
N VAL A 34 20.14 -17.56 -18.04
CA VAL A 34 19.02 -17.74 -17.11
C VAL A 34 17.94 -18.60 -17.79
N TYR A 35 17.50 -19.63 -17.09
CA TYR A 35 16.57 -20.62 -17.64
C TYR A 35 15.30 -20.71 -16.82
N GLU A 36 14.18 -21.00 -17.50
CA GLU A 36 12.94 -21.34 -16.82
C GLU A 36 13.11 -22.72 -16.22
N GLY A 37 12.62 -22.90 -15.00
CA GLY A 37 12.73 -24.18 -14.30
C GLY A 37 11.46 -24.53 -13.57
N VAL A 38 11.32 -25.79 -13.20
CA VAL A 38 10.24 -26.20 -12.31
C VAL A 38 10.84 -26.86 -11.07
N TRP A 39 10.47 -26.34 -9.91
CA TRP A 39 10.84 -26.97 -8.66
C TRP A 39 9.78 -28.05 -8.42
N LYS A 40 10.15 -29.28 -8.75
CA LYS A 40 9.25 -30.45 -8.78
C LYS A 40 8.23 -30.53 -7.65
N LYS A 41 8.72 -30.80 -6.43
CA LYS A 41 7.89 -31.04 -5.26
C LYS A 41 6.90 -29.90 -4.95
N TYR A 42 7.08 -28.76 -5.59
CA TYR A 42 6.20 -27.62 -5.35
C TYR A 42 5.36 -27.23 -6.55
N SER A 43 5.60 -27.88 -7.69
CA SER A 43 4.97 -27.50 -8.96
C SER A 43 5.07 -25.99 -9.17
N LEU A 44 6.26 -25.46 -8.88
CA LEU A 44 6.52 -24.03 -8.91
C LEU A 44 7.50 -23.71 -10.01
N THR A 45 7.11 -22.79 -10.90
CA THR A 45 8.03 -22.28 -11.93
C THR A 45 9.04 -21.37 -11.24
N VAL A 46 10.31 -21.52 -11.63
CA VAL A 46 11.41 -20.74 -11.07
C VAL A 46 12.30 -20.19 -12.16
N ALA A 47 13.15 -19.22 -11.83
CA ALA A 47 14.19 -18.77 -12.74
C ALA A 47 15.52 -19.27 -12.20
N VAL A 48 16.34 -19.82 -13.11
CA VAL A 48 17.61 -20.42 -12.72
C VAL A 48 18.76 -19.80 -13.49
N LYS A 49 19.62 -19.10 -12.78
CA LYS A 49 20.83 -18.53 -13.37
C LYS A 49 21.99 -19.49 -13.23
N THR A 50 22.75 -19.64 -14.31
CA THR A 50 23.90 -20.57 -14.38
C THR A 50 25.11 -19.82 -14.90
N LEU A 51 26.29 -20.45 -14.86
CA LEU A 51 27.48 -19.93 -15.54
C LEU A 51 27.67 -20.60 -16.90
N LYS A 52 28.14 -19.82 -17.88
CA LYS A 52 28.53 -20.36 -19.19
C LYS A 52 29.93 -20.95 -19.11
N GLU A 53 30.22 -21.93 -19.97
CA GLU A 53 31.47 -22.71 -19.92
C GLU A 53 32.76 -21.90 -19.66
N ASP A 54 33.54 -22.37 -18.68
CA ASP A 54 34.80 -21.74 -18.23
C ASP A 54 34.65 -20.28 -17.79
N MET A 56 37.02 -16.38 -15.01
CA MET A 56 37.28 -15.89 -13.65
C MET A 56 36.01 -15.39 -12.98
N GLU A 57 34.91 -15.32 -13.74
CA GLU A 57 33.63 -14.81 -13.24
C GLU A 57 32.96 -15.72 -12.19
N VAL A 58 33.59 -16.83 -11.87
CA VAL A 58 33.12 -17.73 -10.81
C VAL A 58 32.94 -16.99 -9.48
N GLU A 59 33.93 -16.18 -9.09
CA GLU A 59 33.85 -15.47 -7.81
C GLU A 59 32.79 -14.37 -7.80
N GLU A 60 32.55 -13.73 -8.94
CA GLU A 60 31.46 -12.76 -9.08
C GLU A 60 30.11 -13.43 -8.87
N PHE A 61 29.94 -14.61 -9.48
CA PHE A 61 28.73 -15.42 -9.34
C PHE A 61 28.52 -15.83 -7.88
N LEU A 62 29.59 -16.31 -7.24
CA LEU A 62 29.48 -16.72 -5.85
C LEU A 62 29.24 -15.52 -4.93
N LYS A 63 29.77 -14.37 -5.32
CA LYS A 63 29.58 -13.13 -4.58
C LYS A 63 28.10 -12.75 -4.64
N GLU A 64 27.50 -12.88 -5.82
CA GLU A 64 26.06 -12.61 -5.99
C GLU A 64 25.22 -13.54 -5.12
N ALA A 65 25.50 -14.83 -5.15
CA ALA A 65 24.79 -15.77 -4.28
C ALA A 65 24.89 -15.39 -2.81
N ALA A 66 26.10 -15.01 -2.36
CA ALA A 66 26.30 -14.61 -0.97
C ALA A 66 25.45 -13.39 -0.59
N VAL A 67 25.46 -12.37 -1.45
CA VAL A 67 24.66 -11.15 -1.25
C VAL A 67 23.17 -11.47 -1.12
N MET A 68 22.67 -12.29 -2.04
CA MET A 68 21.26 -12.65 -2.06
C MET A 68 20.81 -13.37 -0.80
N LYS A 69 21.72 -14.12 -0.19
CA LYS A 69 21.44 -14.75 1.09
C LYS A 69 21.24 -13.74 2.21
N GLU A 70 21.74 -12.52 2.02
CA GLU A 70 21.68 -11.48 3.05
C GLU A 70 20.49 -10.55 2.95
N ILE A 71 19.70 -10.69 1.90
CA ILE A 71 18.60 -9.75 1.67
C ILE A 71 17.25 -10.44 1.50
N LYS A 72 16.24 -9.84 2.12
CA LYS A 72 14.89 -10.38 2.13
C LYS A 72 13.91 -9.23 2.29
N HIS A 73 13.11 -8.99 1.25
CA HIS A 73 12.14 -7.89 1.26
C HIS A 73 11.05 -8.23 0.25
N PRO A 74 9.79 -7.83 0.52
CA PRO A 74 8.67 -8.19 -0.37
C PRO A 74 8.87 -7.67 -1.81
N ASN A 75 9.69 -6.64 -1.96
CA ASN A 75 9.92 -6.02 -3.26
C ASN A 75 11.33 -6.19 -3.83
N LEU A 76 12.03 -7.22 -3.35
CA LEU A 76 13.31 -7.61 -3.93
C LEU A 76 13.17 -9.06 -4.38
N VAL A 77 13.65 -9.38 -5.56
CA VAL A 77 13.47 -10.74 -6.10
C VAL A 77 14.02 -11.74 -5.06
N GLN A 78 13.29 -12.82 -4.79
CA GLN A 78 13.63 -13.66 -3.64
C GLN A 78 14.44 -14.88 -4.05
N LEU A 79 15.60 -15.02 -3.41
CA LEU A 79 16.41 -16.24 -3.50
C LEU A 79 15.65 -17.44 -2.93
N LEU A 80 15.62 -18.53 -3.68
CA LEU A 80 14.96 -19.74 -3.23
C LEU A 80 15.97 -20.81 -2.84
N GLY A 81 17.12 -20.79 -3.49
CA GLY A 81 18.17 -21.75 -3.22
C GLY A 81 19.32 -21.63 -4.18
N VAL A 82 20.38 -22.39 -3.91
CA VAL A 82 21.54 -22.41 -4.79
C VAL A 82 22.01 -23.84 -5.03
N CYS A 83 22.82 -24.01 -6.08
CA CYS A 83 23.59 -25.23 -6.29
C CYS A 83 25.01 -24.77 -6.55
N THR A 84 25.82 -24.73 -5.48
CA THR A 84 27.17 -24.19 -5.56
C THR A 84 28.22 -25.09 -4.90
N ARG A 85 27.82 -26.32 -4.58
CA ARG A 85 28.76 -27.33 -4.06
C ARG A 85 29.75 -27.70 -5.15
N GLU A 86 29.22 -28.06 -6.31
CA GLU A 86 30.02 -28.41 -7.48
C GLU A 86 29.46 -27.74 -8.72
N PRO A 87 30.32 -27.44 -9.71
CA PRO A 87 29.84 -26.99 -11.02
C PRO A 87 28.87 -28.00 -11.66
N PRO A 88 27.90 -27.53 -12.46
CA PRO A 88 27.63 -26.13 -12.81
C PRO A 88 26.83 -25.42 -11.72
N PHE A 89 27.24 -24.20 -11.40
CA PHE A 89 26.63 -23.41 -10.32
C PHE A 89 25.26 -22.85 -10.72
N TYR A 90 24.28 -22.97 -9.83
CA TYR A 90 22.94 -22.40 -10.04
C TYR A 90 22.56 -21.41 -8.94
N ILE A 91 21.86 -20.36 -9.34
CA ILE A 91 21.12 -19.50 -8.40
C ILE A 91 19.65 -19.56 -8.82
N ILE A 92 18.78 -19.94 -7.89
CA ILE A 92 17.37 -20.12 -8.16
C ILE A 92 16.57 -19.03 -7.46
N THR A 93 15.77 -18.32 -8.23
CA THR A 93 14.84 -17.34 -7.69
C THR A 93 13.42 -17.70 -8.10
N GLU A 94 12.47 -17.00 -7.48
CA GLU A 94 11.09 -17.03 -7.93
C GLU A 94 11.02 -16.54 -9.37
N PHE A 95 9.99 -17.00 -10.08
CA PHE A 95 9.66 -16.54 -11.43
C PHE A 95 8.53 -15.52 -11.32
N MET A 96 8.64 -14.42 -12.05
CA MET A 96 7.64 -13.35 -12.01
C MET A 96 6.84 -13.31 -13.31
N THR A 97 5.54 -13.58 -13.18
CA THR A 97 4.68 -13.88 -14.32
C THR A 97 4.79 -12.92 -15.50
N TYR A 98 4.80 -11.60 -15.22
CA TYR A 98 4.73 -10.60 -16.29
C TYR A 98 6.07 -10.04 -16.79
N GLY A 99 7.18 -10.59 -16.27
CA GLY A 99 8.48 -10.31 -16.87
C GLY A 99 8.96 -8.91 -16.50
N ASN A 100 9.87 -8.38 -17.30
CA ASN A 100 10.54 -7.13 -16.90
C ASN A 100 9.60 -5.93 -17.02
N LEU A 101 9.81 -4.97 -16.11
CA LEU A 101 8.94 -3.83 -16.00
C LEU A 101 9.01 -2.93 -17.22
N LEU A 102 10.17 -2.80 -17.87
CA LEU A 102 10.22 -1.90 -19.01
C LEU A 102 9.28 -2.36 -20.15
N ASP A 103 9.39 -3.62 -20.50
CA ASP A 103 8.49 -4.17 -21.52
C ASP A 103 7.03 -4.16 -21.08
N TYR A 104 6.80 -4.51 -19.83
CA TYR A 104 5.46 -4.44 -19.25
C TYR A 104 4.87 -3.03 -19.42
N LEU A 105 5.62 -1.99 -19.05
CA LEU A 105 5.11 -0.66 -19.26
C LEU A 105 4.77 -0.34 -20.72
N ARG A 106 5.59 -0.83 -21.65
CA ARG A 106 5.44 -0.44 -23.05
C ARG A 106 4.25 -1.19 -23.68
N GLU A 107 3.95 -2.34 -23.11
CA GLU A 107 2.97 -3.28 -23.70
C GLU A 107 1.64 -3.33 -22.98
N CYS A 108 1.57 -2.70 -21.80
CA CYS A 108 0.40 -2.86 -20.92
C CYS A 108 -0.86 -2.19 -21.45
N ASN A 109 -1.99 -2.78 -21.09
CA ASN A 109 -3.30 -2.16 -21.27
C ASN A 109 -3.39 -0.97 -20.33
N ARG A 110 -3.60 0.22 -20.87
CA ARG A 110 -3.51 1.43 -20.06
C ARG A 110 -4.73 1.71 -19.17
N GLN A 111 -5.88 1.10 -19.51
CA GLN A 111 -7.04 1.14 -18.62
C GLN A 111 -6.69 0.42 -17.31
N GLU A 112 -6.02 -0.74 -17.43
CA GLU A 112 -5.60 -1.48 -16.25
C GLU A 112 -4.50 -0.75 -15.49
N VAL A 113 -3.44 -0.45 -16.20
CA VAL A 113 -2.25 0.16 -15.59
C VAL A 113 -2.46 1.68 -15.61
N SER A 114 -3.33 2.14 -14.71
CA SER A 114 -3.70 3.54 -14.58
C SER A 114 -2.67 4.29 -13.72
N ALA A 115 -2.88 5.60 -13.54
CA ALA A 115 -2.04 6.39 -12.62
C ALA A 115 -1.90 5.78 -11.22
N VAL A 116 -2.97 5.14 -10.74
CA VAL A 116 -2.94 4.56 -9.40
C VAL A 116 -1.99 3.37 -9.38
N VAL A 117 -2.05 2.54 -10.41
CA VAL A 117 -1.14 1.41 -10.50
C VAL A 117 0.30 1.88 -10.67
N LEU A 118 0.50 2.88 -11.51
CA LEU A 118 1.87 3.43 -11.69
C LEU A 118 2.46 3.94 -10.38
N LEU A 119 1.65 4.66 -9.61
CA LEU A 119 2.05 5.11 -8.28
C LEU A 119 2.41 3.93 -7.37
N TYR A 120 1.59 2.88 -7.36
CA TYR A 120 1.90 1.69 -6.60
C TYR A 120 3.25 1.04 -7.02
N MET A 121 3.54 1.01 -8.32
CA MET A 121 4.77 0.39 -8.78
C MET A 121 5.95 1.22 -8.28
N ALA A 122 5.86 2.53 -8.41
CA ALA A 122 6.94 3.44 -7.93
C ALA A 122 7.17 3.30 -6.44
N THR A 123 6.06 3.25 -5.68
CA THR A 123 6.11 3.06 -4.24
C THR A 123 6.82 1.79 -3.81
N GLN A 124 6.47 0.67 -4.46
CA GLN A 124 7.11 -0.61 -4.18
C GLN A 124 8.62 -0.58 -4.42
N ILE A 125 9.02 0.04 -5.51
CA ILE A 125 10.43 0.17 -5.82
C ILE A 125 11.14 1.01 -4.75
N SER A 126 10.51 2.08 -4.32
CA SER A 126 11.15 2.93 -3.29
C SER A 126 11.29 2.13 -1.98
N SER A 127 10.35 1.24 -1.69
CA SER A 127 10.43 0.39 -0.49
CA SER A 127 10.41 0.35 -0.51
C SER A 127 11.64 -0.56 -0.54
N ALA A 128 11.84 -1.23 -1.69
CA ALA A 128 12.97 -2.11 -1.90
C ALA A 128 14.27 -1.32 -1.69
N MET A 129 14.31 -0.13 -2.25
CA MET A 129 15.54 0.68 -2.18
C MET A 129 15.79 1.24 -0.78
N GLU A 130 14.72 1.57 -0.05
CA GLU A 130 14.84 1.97 1.35
C GLU A 130 15.46 0.83 2.17
N TYR A 131 15.02 -0.40 1.90
CA TYR A 131 15.60 -1.57 2.53
C TYR A 131 17.09 -1.73 2.21
N LEU A 132 17.44 -1.67 0.91
CA LEU A 132 18.85 -1.73 0.51
C LEU A 132 19.70 -0.62 1.16
N GLU A 133 19.14 0.57 1.22
CA GLU A 133 19.77 1.73 1.87
C GLU A 133 20.05 1.42 3.35
N LYS A 134 19.02 0.92 4.04
CA LYS A 134 19.14 0.57 5.48
C LYS A 134 20.22 -0.49 5.72
N LYS A 135 20.33 -1.45 4.80
CA LYS A 135 21.30 -2.53 4.92
C LYS A 135 22.71 -2.18 4.41
N ASN A 136 22.90 -0.94 3.96
CA ASN A 136 24.18 -0.48 3.43
C ASN A 136 24.60 -1.19 2.16
N PHE A 137 23.62 -1.52 1.32
CA PHE A 137 23.93 -1.99 -0.01
C PHE A 137 23.69 -0.86 -0.99
N ILE A 138 24.32 -0.98 -2.16
CA ILE A 138 24.08 -0.10 -3.31
CA ILE A 138 23.94 -0.11 -3.26
C ILE A 138 23.57 -0.99 -4.43
N HIS A 139 22.68 -0.49 -5.27
CA HIS A 139 22.26 -1.27 -6.41
C HIS A 139 23.24 -1.18 -7.57
N ARG A 140 23.53 0.05 -8.03
CA ARG A 140 24.49 0.32 -9.13
C ARG A 140 23.90 0.31 -10.53
N ASP A 141 22.72 -0.29 -10.73
CA ASP A 141 22.11 -0.26 -12.06
C ASP A 141 20.57 -0.29 -11.98
N LEU A 142 20.02 0.63 -11.20
CA LEU A 142 18.54 0.70 -11.08
C LEU A 142 17.92 1.29 -12.37
N ALA A 143 16.86 0.64 -12.90
CA ALA A 143 16.20 1.06 -14.12
C ALA A 143 15.04 0.09 -14.28
N ALA A 144 14.06 0.48 -15.09
CA ALA A 144 12.88 -0.37 -15.33
C ALA A 144 13.24 -1.75 -15.91
N ARG A 145 14.33 -1.81 -16.70
CA ARG A 145 14.79 -3.06 -17.31
C ARG A 145 15.26 -4.09 -16.26
N ASN A 146 15.59 -3.58 -15.07
CA ASN A 146 15.99 -4.45 -13.96
C ASN A 146 14.89 -4.68 -12.91
N CYS A 147 13.63 -4.47 -13.24
CA CYS A 147 12.55 -4.75 -12.27
C CYS A 147 11.65 -5.77 -12.94
N LEU A 148 10.94 -6.52 -12.10
CA LEU A 148 10.00 -7.57 -12.57
C LEU A 148 8.59 -7.31 -12.07
N VAL A 149 7.59 -7.84 -12.80
CA VAL A 149 6.20 -7.60 -12.49
C VAL A 149 5.53 -8.96 -12.32
N GLY A 150 4.81 -9.13 -11.22
CA GLY A 150 4.06 -10.38 -10.95
C GLY A 150 2.58 -10.10 -10.86
N GLU A 151 1.86 -11.00 -10.20
CA GLU A 151 0.41 -10.83 -10.06
C GLU A 151 0.00 -9.58 -9.29
N ASN A 152 -1.09 -8.96 -9.73
CA ASN A 152 -1.70 -7.84 -9.00
C ASN A 152 -0.74 -6.67 -8.91
N HIS A 153 0.03 -6.50 -9.99
CA HIS A 153 0.97 -5.35 -10.16
C HIS A 153 2.05 -5.31 -9.07
N LEU A 154 2.36 -6.47 -8.52
CA LEU A 154 3.53 -6.61 -7.64
C LEU A 154 4.77 -6.31 -8.42
N VAL A 155 5.67 -5.51 -7.85
CA VAL A 155 6.90 -5.20 -8.55
C VAL A 155 8.07 -5.56 -7.63
N LYS A 156 9.11 -6.18 -8.19
CA LYS A 156 10.31 -6.49 -7.41
C LYS A 156 11.53 -5.96 -8.14
N VAL A 157 12.46 -5.39 -7.38
CA VAL A 157 13.71 -4.95 -7.93
C VAL A 157 14.66 -6.15 -8.06
N ALA A 158 15.34 -6.22 -9.19
CA ALA A 158 16.31 -7.26 -9.48
C ALA A 158 17.63 -6.64 -9.94
N ASP A 159 18.60 -7.47 -10.26
CA ASP A 159 19.82 -7.01 -10.89
C ASP A 159 20.30 -8.14 -11.79
N PHE A 160 20.08 -7.95 -13.09
CA PHE A 160 20.28 -9.01 -14.08
C PHE A 160 21.69 -9.02 -14.66
N GLY A 161 22.51 -8.04 -14.30
CA GLY A 161 23.88 -7.96 -14.82
C GLY A 161 23.85 -7.75 -16.32
N LEU A 162 23.13 -6.72 -16.74
CA LEU A 162 22.78 -6.54 -18.13
C LEU A 162 23.88 -5.91 -18.99
N SER A 163 24.82 -5.22 -18.35
CA SER A 163 25.71 -4.30 -19.06
C SER A 163 26.45 -4.87 -20.28
N ARG A 164 26.89 -6.12 -20.20
CA ARG A 164 27.58 -6.77 -21.31
C ARG A 164 26.73 -7.86 -21.99
N LEU A 165 25.42 -7.86 -21.72
CA LEU A 165 24.49 -8.77 -22.39
C LEU A 165 23.64 -8.00 -23.40
N MET A 166 22.94 -6.97 -22.91
CA MET A 166 22.03 -6.17 -23.71
C MET A 166 22.67 -5.60 -24.99
N THR A 167 21.98 -5.80 -26.11
CA THR A 167 22.40 -5.21 -27.38
C THR A 167 21.76 -3.82 -27.50
N GLY A 168 22.30 -3.00 -28.41
CA GLY A 168 21.81 -1.64 -28.60
C GLY A 168 22.65 -0.69 -27.80
N ASP A 169 22.20 0.57 -27.71
CA ASP A 169 22.99 1.61 -27.06
C ASP A 169 22.49 2.00 -25.66
N THR A 170 21.69 1.13 -25.03
CA THR A 170 21.37 1.34 -23.62
C THR A 170 22.67 1.45 -22.82
N TYR A 171 23.56 0.48 -22.96
CA TYR A 171 24.87 0.54 -22.30
C TYR A 171 25.91 0.86 -23.35
N THR A 172 26.78 1.82 -23.05
CA THR A 172 27.86 2.16 -24.00
C THR A 172 29.19 2.27 -23.27
N ALA A 173 30.29 2.19 -24.03
CA ALA A 173 31.63 2.22 -23.46
C ALA A 173 31.91 3.51 -22.68
N HIS A 174 32.38 3.37 -21.46
CA HIS A 174 32.75 4.50 -20.62
C HIS A 174 33.67 4.02 -19.53
N ALA A 175 34.84 4.66 -19.42
CA ALA A 175 35.80 4.36 -18.34
C ALA A 175 36.14 2.87 -18.17
N GLY A 176 36.31 2.16 -19.28
CA GLY A 176 36.74 0.75 -19.24
C GLY A 176 35.63 -0.27 -19.02
N ALA A 177 34.39 0.20 -18.88
CA ALA A 177 33.25 -0.68 -18.67
C ALA A 177 32.09 -0.24 -19.57
N LYS A 178 30.94 -0.87 -19.44
CA LYS A 178 29.75 -0.45 -20.17
C LYS A 178 28.79 0.19 -19.16
N PHE A 179 28.43 1.46 -19.39
CA PHE A 179 27.54 2.20 -18.47
C PHE A 179 26.23 2.49 -19.16
N PRO A 180 25.10 2.45 -18.42
CA PRO A 180 23.87 2.99 -19.02
C PRO A 180 23.89 4.51 -18.81
N ILE A 181 24.49 5.24 -19.75
CA ILE A 181 24.78 6.67 -19.55
C ILE A 181 23.56 7.48 -19.06
N LYS A 182 22.38 7.22 -19.66
CA LYS A 182 21.22 8.06 -19.35
C LYS A 182 20.60 7.80 -17.99
N TRP A 183 21.07 6.77 -17.30
CA TRP A 183 20.60 6.50 -15.95
C TRP A 183 21.67 6.81 -14.91
N THR A 184 22.85 7.23 -15.36
CA THR A 184 24.01 7.25 -14.47
C THR A 184 24.18 8.64 -13.84
N ALA A 185 24.35 8.70 -12.51
CA ALA A 185 24.54 9.98 -11.82
C ALA A 185 25.81 10.63 -12.35
N PRO A 186 25.84 11.97 -12.39
CA PRO A 186 26.97 12.70 -12.98
C PRO A 186 28.28 12.39 -12.27
N GLU A 187 28.24 12.26 -10.95
CA GLU A 187 29.47 11.95 -10.20
C GLU A 187 29.95 10.53 -10.45
N SER A 188 29.04 9.63 -10.87
CA SER A 188 29.46 8.32 -11.30
C SER A 188 30.15 8.40 -12.65
N LEU A 189 29.62 9.21 -13.56
CA LEU A 189 30.22 9.36 -14.90
C LEU A 189 31.58 10.01 -14.81
N ALA A 190 31.66 11.03 -13.99
CA ALA A 190 32.83 11.92 -14.01
C ALA A 190 33.92 11.54 -13.02
N TYR A 191 33.52 10.98 -11.88
CA TYR A 191 34.46 10.69 -10.80
C TYR A 191 34.45 9.22 -10.35
N ASN A 192 33.69 8.39 -11.08
N ASN A 192 33.72 8.38 -11.08
CA ASN A 192 33.56 6.97 -10.74
CA ASN A 192 33.57 6.96 -10.72
C ASN A 192 33.06 6.77 -9.32
C ASN A 192 33.05 6.75 -9.31
N LYS A 193 32.22 7.68 -8.84
CA LYS A 193 31.68 7.62 -7.50
C LYS A 193 30.27 7.03 -7.50
N PHE A 194 30.14 5.87 -6.87
CA PHE A 194 28.86 5.19 -6.76
C PHE A 194 28.49 5.11 -5.29
N SER A 195 27.22 5.36 -4.98
CA SER A 195 26.70 5.33 -3.62
C SER A 195 25.20 5.15 -3.68
N ILE A 196 24.58 5.07 -2.51
CA ILE A 196 23.13 5.02 -2.49
C ILE A 196 22.52 6.28 -3.14
N LYS A 197 23.24 7.42 -3.06
CA LYS A 197 22.77 8.59 -3.73
C LYS A 197 22.85 8.54 -5.24
N SER A 198 23.76 7.77 -5.82
CA SER A 198 23.75 7.60 -7.27
C SER A 198 22.59 6.68 -7.64
N ASP A 199 22.25 5.76 -6.74
CA ASP A 199 20.98 4.98 -6.95
C ASP A 199 19.74 5.91 -6.89
N VAL A 200 19.78 6.93 -6.03
CA VAL A 200 18.69 7.89 -5.98
C VAL A 200 18.52 8.61 -7.33
N TRP A 201 19.63 9.04 -7.93
CA TRP A 201 19.56 9.66 -9.25
C TRP A 201 18.86 8.72 -10.25
N ALA A 202 19.35 7.49 -10.30
CA ALA A 202 18.79 6.45 -11.20
C ALA A 202 17.32 6.21 -10.93
N PHE A 203 16.96 6.18 -9.66
CA PHE A 203 15.53 6.07 -9.29
C PHE A 203 14.68 7.18 -9.94
N GLY A 204 15.19 8.41 -9.95
CA GLY A 204 14.51 9.51 -10.63
C GLY A 204 14.29 9.23 -12.11
N VAL A 205 15.33 8.68 -12.78
CA VAL A 205 15.17 8.31 -14.20
C VAL A 205 14.11 7.19 -14.32
N LEU A 206 14.20 6.21 -13.44
CA LEU A 206 13.18 5.11 -13.42
C LEU A 206 11.75 5.68 -13.20
N LEU A 207 11.61 6.63 -12.29
CA LEU A 207 10.33 7.31 -12.10
C LEU A 207 9.80 7.96 -13.39
N TRP A 208 10.71 8.59 -14.15
CA TRP A 208 10.38 9.14 -15.44
C TRP A 208 9.94 8.04 -16.44
N GLU A 209 10.63 6.91 -16.43
CA GLU A 209 10.23 5.73 -17.25
C GLU A 209 8.79 5.30 -16.88
N ILE A 210 8.50 5.28 -15.59
CA ILE A 210 7.15 4.84 -15.15
C ILE A 210 6.13 5.86 -15.66
N ALA A 211 6.43 7.13 -15.43
CA ALA A 211 5.51 8.22 -15.79
C ALA A 211 5.21 8.32 -17.29
N THR A 212 6.09 7.78 -18.13
CA THR A 212 5.93 7.82 -19.58
C THR A 212 5.54 6.45 -20.18
N TYR A 213 5.19 5.47 -19.34
CA TYR A 213 4.95 4.08 -19.84
C TYR A 213 6.14 3.53 -20.64
N GLY A 214 7.35 3.82 -20.17
CA GLY A 214 8.54 3.17 -20.71
C GLY A 214 9.21 3.88 -21.88
N MET A 215 9.04 5.18 -22.00
CA MET A 215 9.78 5.89 -23.04
C MET A 215 11.27 5.86 -22.69
N SER A 216 12.12 5.93 -23.72
CA SER A 216 13.57 6.04 -23.51
C SER A 216 13.92 7.46 -23.06
N PRO A 217 14.76 7.60 -22.01
CA PRO A 217 15.04 8.95 -21.46
C PRO A 217 15.86 9.84 -22.40
N TYR A 218 15.82 11.14 -22.16
CA TYR A 218 16.51 12.17 -22.98
C TYR A 218 16.31 11.93 -24.47
N PRO A 219 15.05 11.73 -24.89
CA PRO A 219 14.86 11.30 -26.27
C PRO A 219 15.37 12.34 -27.27
N GLY A 220 16.13 11.89 -28.25
CA GLY A 220 16.62 12.79 -29.30
C GLY A 220 17.91 13.49 -28.92
N ILE A 221 18.39 13.27 -27.70
CA ILE A 221 19.64 13.88 -27.23
C ILE A 221 20.78 12.86 -27.35
N ASP A 222 21.85 13.26 -28.03
CA ASP A 222 23.04 12.42 -28.18
C ASP A 222 23.67 12.12 -26.82
N LEU A 223 24.14 10.88 -26.63
CA LEU A 223 24.84 10.47 -25.40
C LEU A 223 26.01 11.41 -25.08
N SER A 224 26.69 11.85 -26.12
CA SER A 224 27.85 12.75 -26.00
C SER A 224 27.52 14.06 -25.30
N GLN A 225 26.24 14.44 -25.30
CA GLN A 225 25.83 15.72 -24.75
C GLN A 225 25.20 15.64 -23.36
N VAL A 226 24.91 14.42 -22.89
CA VAL A 226 24.14 14.28 -21.65
C VAL A 226 24.85 14.94 -20.45
N TYR A 227 26.12 14.61 -20.23
CA TYR A 227 26.83 15.16 -19.08
C TYR A 227 26.89 16.68 -19.12
N GLU A 228 27.31 17.24 -20.25
CA GLU A 228 27.40 18.69 -20.40
C GLU A 228 26.06 19.38 -20.13
N LEU A 229 24.98 18.83 -20.68
CA LEU A 229 23.67 19.41 -20.43
C LEU A 229 23.30 19.37 -18.95
N LEU A 230 23.54 18.24 -18.30
CA LEU A 230 23.18 18.09 -16.89
C LEU A 230 24.02 19.06 -16.06
N GLU A 231 25.29 19.18 -16.40
CA GLU A 231 26.20 20.12 -15.72
C GLU A 231 25.77 21.57 -15.86
N LYS A 232 25.06 21.89 -16.94
CA LYS A 232 24.55 23.23 -17.16
C LYS A 232 23.05 23.34 -16.73
N ASP A 233 22.65 22.41 -15.86
CA ASP A 233 21.37 22.40 -15.17
C ASP A 233 20.16 21.98 -16.00
N TYR A 234 20.38 21.43 -17.18
CA TYR A 234 19.26 20.88 -17.96
C TYR A 234 18.71 19.66 -17.20
N ARG A 235 17.37 19.45 -17.24
CA ARG A 235 16.79 18.22 -16.72
C ARG A 235 15.60 17.89 -17.62
N MET A 236 15.27 16.62 -17.74
CA MET A 236 14.10 16.23 -18.52
C MET A 236 12.87 17.00 -18.07
N GLU A 237 12.02 17.37 -19.03
CA GLU A 237 10.79 18.12 -18.71
C GLU A 237 9.76 17.20 -18.06
N ARG A 238 8.80 17.80 -17.36
CA ARG A 238 7.71 17.04 -16.77
C ARG A 238 6.95 16.28 -17.87
N PRO A 239 6.81 14.96 -17.71
CA PRO A 239 6.07 14.23 -18.75
C PRO A 239 4.60 14.62 -18.79
N GLU A 240 4.00 14.45 -19.96
CA GLU A 240 2.59 14.75 -20.15
C GLU A 240 1.76 13.95 -19.14
N GLY A 241 0.95 14.67 -18.37
CA GLY A 241 0.07 14.07 -17.37
C GLY A 241 0.66 13.88 -15.99
N CYS A 242 1.96 14.14 -15.85
CA CYS A 242 2.64 13.88 -14.58
C CYS A 242 2.25 14.91 -13.54
N PRO A 243 1.75 14.45 -12.38
CA PRO A 243 1.42 15.39 -11.31
C PRO A 243 2.66 16.17 -10.87
N GLU A 244 2.46 17.45 -10.61
CA GLU A 244 3.57 18.30 -10.19
C GLU A 244 4.37 17.77 -9.00
N LYS A 245 3.70 17.21 -8.00
CA LYS A 245 4.40 16.73 -6.82
C LYS A 245 5.33 15.54 -7.15
N VAL A 246 4.92 14.72 -8.11
CA VAL A 246 5.76 13.61 -8.57
C VAL A 246 6.98 14.14 -9.32
N TYR A 247 6.75 15.13 -10.19
CA TYR A 247 7.86 15.74 -10.95
C TYR A 247 8.85 16.44 -10.01
N GLU A 248 8.34 17.07 -8.95
CA GLU A 248 9.19 17.67 -7.92
C GLU A 248 10.09 16.63 -7.27
N LEU A 249 9.54 15.43 -7.04
CA LEU A 249 10.29 14.34 -6.48
C LEU A 249 11.36 13.87 -7.46
N MET A 250 11.03 13.83 -8.75
CA MET A 250 12.03 13.51 -9.79
C MET A 250 13.18 14.51 -9.73
N ARG A 251 12.82 15.78 -9.72
CA ARG A 251 13.82 16.88 -9.68
C ARG A 251 14.70 16.81 -8.43
N ALA A 252 14.14 16.35 -7.32
CA ALA A 252 14.91 16.20 -6.08
C ALA A 252 15.92 15.09 -6.23
N CYS A 253 15.50 13.99 -6.88
CA CYS A 253 16.44 12.90 -7.14
C CYS A 253 17.59 13.34 -8.04
N TRP A 254 17.38 14.37 -8.84
CA TRP A 254 18.36 14.77 -9.82
C TRP A 254 19.14 16.01 -9.39
N GLN A 255 19.22 16.24 -8.10
CA GLN A 255 20.12 17.29 -7.57
C GLN A 255 21.56 16.99 -7.98
N TRP A 256 22.29 18.02 -8.41
CA TRP A 256 23.66 17.82 -8.84
C TRP A 256 24.56 17.25 -7.71
N ASN A 257 24.48 17.88 -6.53
CA ASN A 257 25.22 17.42 -5.35
C ASN A 257 24.50 16.18 -4.78
N PRO A 258 25.16 15.02 -4.74
CA PRO A 258 24.52 13.77 -4.26
C PRO A 258 23.96 13.92 -2.85
N SER A 259 24.67 14.70 -2.02
CA SER A 259 24.19 14.97 -0.68
C SER A 259 22.84 15.70 -0.58
N ASP A 260 22.45 16.46 -1.62
CA ASP A 260 21.19 17.17 -1.65
C ASP A 260 19.99 16.30 -2.06
N ARG A 261 20.26 15.13 -2.60
CA ARG A 261 19.19 14.23 -3.04
C ARG A 261 18.54 13.59 -1.80
N PRO A 262 17.22 13.30 -1.84
CA PRO A 262 16.54 12.66 -0.70
C PRO A 262 17.06 11.25 -0.47
N SER A 263 16.94 10.74 0.76
CA SER A 263 17.20 9.33 1.01
C SER A 263 16.00 8.53 0.47
N PHE A 264 16.19 7.23 0.26
CA PHE A 264 15.07 6.36 -0.13
C PHE A 264 14.01 6.28 0.96
N ALA A 265 14.43 6.37 2.22
CA ALA A 265 13.45 6.50 3.30
C ALA A 265 12.56 7.75 3.13
N GLU A 266 13.17 8.89 2.78
CA GLU A 266 12.41 10.09 2.48
C GLU A 266 11.50 9.96 1.24
N ILE A 267 12.03 9.32 0.21
CA ILE A 267 11.29 9.09 -1.02
C ILE A 267 10.08 8.23 -0.72
N HIS A 268 10.28 7.14 0.02
CA HIS A 268 9.16 6.22 0.31
C HIS A 268 8.10 6.95 1.13
N GLN A 269 8.53 7.69 2.15
CA GLN A 269 7.62 8.49 2.94
C GLN A 269 6.84 9.48 2.07
N ALA A 270 7.52 10.11 1.11
CA ALA A 270 6.88 11.06 0.20
C ALA A 270 5.75 10.39 -0.58
N PHE A 271 6.00 9.18 -1.08
CA PHE A 271 4.98 8.44 -1.83
C PHE A 271 3.77 8.11 -0.96
N GLU A 272 4.00 7.84 0.31
CA GLU A 272 2.90 7.49 1.23
C GLU A 272 2.05 8.71 1.58
N THR A 273 2.69 9.87 1.67
CA THR A 273 2.03 11.09 2.10
C THR A 273 1.43 11.85 0.93
N MET A 274 2.15 11.90 -0.19
CA MET A 274 1.80 12.70 -1.36
C MET A 274 0.31 12.69 -1.71
N PHE A 275 -0.31 11.53 -1.63
CA PHE A 275 -1.70 11.36 -2.04
C PHE A 275 -2.56 10.72 -0.94
N GLN A 276 -2.18 10.98 0.31
CA GLN A 276 -2.93 10.46 1.46
C GLN A 276 -4.35 11.05 1.52
N GLU A 277 -4.49 12.32 1.12
CA GLU A 277 -5.77 13.03 1.18
C GLU A 277 -6.35 13.35 -0.20
N SER A 278 -5.62 13.01 -1.25
CA SER A 278 -6.01 13.40 -2.60
C SER A 278 -5.66 12.32 -3.60
N SER A 279 -6.44 12.25 -4.68
CA SER A 279 -6.33 11.19 -5.66
C SER A 279 -5.34 11.50 -6.78
N ILE A 280 -4.42 10.58 -7.05
CA ILE A 280 -3.48 10.79 -8.16
C ILE A 280 -4.22 10.85 -9.51
N SER A 281 -5.28 10.06 -9.65
CA SER A 281 -6.12 10.14 -10.85
C SER A 281 -6.61 11.57 -11.11
N ASP A 282 -7.05 12.27 -10.06
CA ASP A 282 -7.53 13.66 -10.20
C ASP A 282 -6.44 14.62 -10.64
N GLU A 283 -5.22 14.43 -10.13
CA GLU A 283 -4.09 15.28 -10.50
C GLU A 283 -3.71 15.11 -11.96
N VAL A 284 -3.63 13.85 -12.42
CA VAL A 284 -3.33 13.57 -13.80
C VAL A 284 -4.37 14.22 -14.71
N GLU A 285 -5.65 14.00 -14.39
CA GLU A 285 -6.74 14.61 -15.14
C GLU A 285 -6.60 16.14 -15.20
N LYS A 286 -6.28 16.75 -14.07
CA LYS A 286 -6.05 18.19 -13.99
C LYS A 286 -4.91 18.65 -14.89
N GLU A 287 -3.80 17.89 -14.89
CA GLU A 287 -2.67 18.23 -15.75
C GLU A 287 -3.00 18.09 -17.23
N LEU A 288 -3.75 17.05 -17.59
CA LEU A 288 -4.12 16.82 -18.99
C LEU A 288 -5.15 17.83 -19.46
N MET B 3 -30.64 21.96 -11.00
CA MET B 3 -30.38 23.38 -10.66
C MET B 3 -29.57 24.07 -11.75
N ASP B 4 -29.81 25.37 -11.96
CA ASP B 4 -29.04 26.15 -12.93
C ASP B 4 -27.82 26.79 -12.27
N PRO B 5 -26.64 26.64 -12.89
CA PRO B 5 -25.36 27.19 -12.41
C PRO B 5 -25.38 28.68 -12.10
N SER B 6 -26.12 29.46 -12.88
CA SER B 6 -26.15 30.92 -12.72
C SER B 6 -26.82 31.38 -11.42
N SER B 7 -27.77 30.58 -10.93
CA SER B 7 -28.54 30.92 -9.75
C SER B 7 -27.69 31.05 -8.47
N PRO B 8 -28.02 32.02 -7.59
CA PRO B 8 -27.29 32.18 -6.34
C PRO B 8 -27.67 31.12 -5.29
N ASN B 9 -28.66 30.29 -5.60
CA ASN B 9 -29.03 29.17 -4.72
C ASN B 9 -28.49 27.80 -5.18
N TYR B 10 -27.67 27.81 -6.24
CA TYR B 10 -27.08 26.58 -6.81
C TYR B 10 -26.36 25.73 -5.76
N ASP B 11 -26.62 24.42 -5.83
CA ASP B 11 -25.90 23.43 -5.02
C ASP B 11 -25.52 22.27 -5.93
N LYS B 12 -24.21 22.07 -6.11
CA LYS B 12 -23.70 21.05 -7.03
C LYS B 12 -24.13 19.62 -6.66
N TRP B 13 -24.40 19.39 -5.38
CA TRP B 13 -24.67 18.05 -4.89
C TRP B 13 -26.10 17.61 -5.24
N GLU B 14 -26.98 18.58 -5.43
CA GLU B 14 -28.39 18.28 -5.69
C GLU B 14 -28.60 17.54 -6.99
N MET B 15 -29.25 16.39 -6.87
CA MET B 15 -29.47 15.48 -7.99
C MET B 15 -30.94 15.36 -8.32
N GLU B 16 -31.21 14.92 -9.55
CA GLU B 16 -32.55 14.59 -9.98
C GLU B 16 -32.93 13.20 -9.51
N ARG B 17 -33.97 13.13 -8.70
CA ARG B 17 -34.50 11.88 -8.15
C ARG B 17 -34.70 10.80 -9.23
N THR B 18 -35.14 11.25 -10.40
CA THR B 18 -35.43 10.40 -11.55
C THR B 18 -34.20 9.64 -12.07
N ASP B 19 -33.01 10.19 -11.80
CA ASP B 19 -31.75 9.61 -12.24
C ASP B 19 -31.43 8.30 -11.51
N ILE B 20 -32.02 8.14 -10.31
CA ILE B 20 -31.75 6.99 -9.46
C ILE B 20 -32.88 5.96 -9.49
N THR B 21 -32.58 4.77 -9.99
CA THR B 21 -33.51 3.65 -9.91
C THR B 21 -33.41 3.02 -8.52
N MET B 22 -34.52 3.05 -7.79
CA MET B 22 -34.56 2.53 -6.43
C MET B 22 -34.91 1.05 -6.37
N LYS B 23 -33.99 0.26 -5.82
CA LYS B 23 -34.19 -1.17 -5.62
C LYS B 23 -34.63 -1.42 -4.18
N HIS B 24 -33.98 -2.35 -3.48
CA HIS B 24 -34.38 -2.62 -2.10
C HIS B 24 -33.31 -2.43 -1.02
N LYS B 25 -33.74 -2.53 0.23
CA LYS B 25 -32.89 -2.32 1.41
C LYS B 25 -31.63 -3.15 1.41
N LEU B 26 -30.53 -2.53 1.85
CA LEU B 26 -29.26 -3.23 2.07
C LEU B 26 -29.29 -3.94 3.42
N GLY B 27 -28.91 -5.22 3.42
CA GLY B 27 -28.86 -6.02 4.64
C GLY B 27 -30.20 -6.24 5.34
N GLY B 28 -31.27 -6.29 4.54
CA GLY B 28 -32.61 -6.59 5.04
C GLY B 28 -33.23 -5.57 5.99
N GLY B 29 -32.45 -4.58 6.41
CA GLY B 29 -32.91 -3.59 7.38
C GLY B 29 -31.87 -3.29 8.44
N GLN B 30 -30.69 -3.87 8.28
CA GLN B 30 -29.53 -3.70 9.17
C GLN B 30 -29.04 -2.24 9.22
N TYR B 31 -29.27 -1.51 8.13
CA TYR B 31 -28.83 -0.13 8.02
C TYR B 31 -29.96 0.89 8.13
N GLY B 32 -31.16 0.41 8.46
CA GLY B 32 -32.34 1.26 8.45
C GLY B 32 -32.77 1.51 7.01
N GLU B 33 -33.20 2.74 6.73
CA GLU B 33 -33.73 3.12 5.42
C GLU B 33 -32.62 3.41 4.39
N VAL B 34 -31.81 2.39 4.10
CA VAL B 34 -30.75 2.50 3.09
C VAL B 34 -30.96 1.43 2.01
N TYR B 35 -31.07 1.87 0.77
CA TYR B 35 -31.44 1.01 -0.35
C TYR B 35 -30.37 0.93 -1.41
N GLU B 36 -30.34 -0.19 -2.14
CA GLU B 36 -29.51 -0.29 -3.33
C GLU B 36 -30.12 0.59 -4.41
N GLY B 37 -29.27 1.38 -5.05
CA GLY B 37 -29.72 2.27 -6.11
C GLY B 37 -28.94 2.04 -7.39
N VAL B 38 -29.45 2.57 -8.49
CA VAL B 38 -28.73 2.55 -9.77
C VAL B 38 -28.72 3.96 -10.35
N TRP B 39 -27.52 4.50 -10.53
CA TRP B 39 -27.33 5.82 -11.13
C TRP B 39 -27.32 5.66 -12.66
N LYS B 40 -28.48 5.92 -13.26
CA LYS B 40 -28.76 5.61 -14.68
C LYS B 40 -27.68 6.03 -15.67
N LYS B 41 -27.26 7.29 -15.60
CA LYS B 41 -26.30 7.86 -16.54
C LYS B 41 -24.94 7.17 -16.54
N TYR B 42 -24.63 6.46 -15.45
CA TYR B 42 -23.32 5.84 -15.26
C TYR B 42 -23.39 4.31 -15.21
N SER B 43 -24.60 3.76 -15.17
CA SER B 43 -24.82 2.33 -14.88
C SER B 43 -24.02 1.88 -13.64
N LEU B 44 -24.07 2.71 -12.61
CA LEU B 44 -23.28 2.50 -11.39
C LEU B 44 -24.19 2.24 -10.20
N THR B 45 -23.92 1.14 -9.49
CA THR B 45 -24.65 0.79 -8.27
C THR B 45 -24.24 1.73 -7.14
N VAL B 46 -25.24 2.26 -6.44
CA VAL B 46 -25.03 3.22 -5.36
C VAL B 46 -25.79 2.81 -4.09
N ALA B 47 -25.45 3.45 -2.97
CA ALA B 47 -26.21 3.30 -1.73
C ALA B 47 -27.01 4.56 -1.48
N VAL B 48 -28.28 4.40 -1.12
CA VAL B 48 -29.20 5.54 -0.97
C VAL B 48 -29.92 5.53 0.37
N LYS B 49 -29.64 6.55 1.18
CA LYS B 49 -30.31 6.73 2.46
C LYS B 49 -31.49 7.67 2.29
N THR B 50 -32.66 7.24 2.77
CA THR B 50 -33.91 7.99 2.59
C THR B 50 -34.57 8.34 3.94
N LEU B 51 -35.66 9.10 3.89
CA LEU B 51 -36.49 9.35 5.08
C LEU B 51 -37.94 8.93 4.85
N LYS B 52 -38.55 8.32 5.88
CA LYS B 52 -39.97 7.95 5.88
C LYS B 52 -40.88 9.07 5.37
N MET B 56 -39.35 13.93 12.60
CA MET B 56 -38.70 14.46 13.80
C MET B 56 -37.18 14.53 13.67
N GLU B 57 -36.64 13.85 12.67
CA GLU B 57 -35.19 13.87 12.41
C GLU B 57 -34.86 14.25 10.97
N VAL B 58 -35.64 15.17 10.41
CA VAL B 58 -35.34 15.82 9.15
C VAL B 58 -34.12 16.71 9.34
N GLU B 59 -34.09 17.42 10.46
CA GLU B 59 -32.99 18.33 10.82
C GLU B 59 -31.63 17.64 10.90
N GLU B 60 -31.58 16.48 11.54
CA GLU B 60 -30.33 15.72 11.64
C GLU B 60 -29.93 15.05 10.32
N PHE B 61 -30.91 14.63 9.53
CA PHE B 61 -30.68 14.11 8.17
C PHE B 61 -29.99 15.17 7.31
N LEU B 62 -30.51 16.39 7.38
CA LEU B 62 -29.95 17.51 6.63
C LEU B 62 -28.58 17.90 7.17
N LYS B 63 -28.37 17.71 8.47
CA LYS B 63 -27.06 18.00 9.08
C LYS B 63 -26.02 16.97 8.61
N GLU B 64 -26.42 15.72 8.51
CA GLU B 64 -25.52 14.69 8.00
C GLU B 64 -25.11 14.98 6.55
N ALA B 65 -26.07 15.37 5.72
CA ALA B 65 -25.78 15.79 4.35
C ALA B 65 -24.77 16.93 4.33
N ALA B 66 -24.98 17.93 5.16
CA ALA B 66 -24.11 19.10 5.25
C ALA B 66 -22.69 18.72 5.64
N VAL B 67 -22.58 17.84 6.63
CA VAL B 67 -21.29 17.31 7.09
C VAL B 67 -20.57 16.57 5.96
N MET B 68 -21.31 15.73 5.23
CA MET B 68 -20.70 14.92 4.17
C MET B 68 -20.22 15.72 2.95
N LYS B 69 -20.77 16.92 2.77
CA LYS B 69 -20.32 17.81 1.70
C LYS B 69 -18.97 18.44 2.05
N GLU B 70 -18.63 18.42 3.34
CA GLU B 70 -17.40 19.04 3.86
C GLU B 70 -16.24 18.05 3.95
N ILE B 71 -16.52 16.77 3.77
CA ILE B 71 -15.46 15.78 3.91
C ILE B 71 -15.19 14.96 2.67
N LYS B 72 -13.91 14.83 2.36
CA LYS B 72 -13.42 14.06 1.24
C LYS B 72 -12.06 13.50 1.60
N HIS B 73 -11.93 12.18 1.43
CA HIS B 73 -10.73 11.42 1.76
C HIS B 73 -10.90 10.05 1.09
N PRO B 74 -9.78 9.45 0.61
CA PRO B 74 -9.85 8.13 -0.03
C PRO B 74 -10.39 7.00 0.85
N ASN B 75 -10.29 7.17 2.16
CA ASN B 75 -10.79 6.16 3.10
C ASN B 75 -12.02 6.59 3.92
N LEU B 76 -12.76 7.57 3.42
CA LEU B 76 -14.08 7.91 3.94
C LEU B 76 -15.11 7.65 2.86
N VAL B 77 -16.22 7.00 3.21
CA VAL B 77 -17.26 6.71 2.23
C VAL B 77 -17.67 8.03 1.53
N GLN B 78 -17.73 7.99 0.20
CA GLN B 78 -17.84 9.24 -0.57
C GLN B 78 -19.26 9.61 -0.97
N LEU B 79 -19.66 10.80 -0.54
CA LEU B 79 -20.92 11.38 -0.96
C LEU B 79 -20.89 11.59 -2.47
N LEU B 80 -21.93 11.13 -3.16
CA LEU B 80 -22.04 11.34 -4.61
C LEU B 80 -23.07 12.40 -4.97
N GLY B 81 -24.12 12.51 -4.17
CA GLY B 81 -25.21 13.44 -4.45
C GLY B 81 -26.26 13.40 -3.36
N VAL B 82 -27.17 14.36 -3.42
CA VAL B 82 -28.29 14.44 -2.48
C VAL B 82 -29.55 14.78 -3.26
N CYS B 83 -30.71 14.41 -2.72
CA CYS B 83 -31.97 14.97 -3.17
C CYS B 83 -32.63 15.53 -1.94
N THR B 84 -32.43 16.83 -1.68
CA THR B 84 -32.94 17.45 -0.45
C THR B 84 -33.75 18.72 -0.74
N ARG B 85 -34.41 18.73 -1.89
CA ARG B 85 -35.31 19.82 -2.23
C ARG B 85 -36.73 19.43 -1.83
N GLU B 86 -37.15 18.23 -2.24
CA GLU B 86 -38.44 17.69 -1.85
C GLU B 86 -38.31 16.26 -1.32
N PRO B 87 -39.16 15.89 -0.34
CA PRO B 87 -39.28 14.50 0.10
C PRO B 87 -39.68 13.55 -1.04
N PRO B 88 -39.28 12.26 -0.95
CA PRO B 88 -38.40 11.71 0.09
C PRO B 88 -36.95 12.18 -0.09
N PHE B 89 -36.35 12.68 0.98
CA PHE B 89 -34.95 13.13 0.94
C PHE B 89 -33.99 11.95 0.69
N TYR B 90 -32.94 12.22 -0.08
CA TYR B 90 -31.93 11.21 -0.44
C TYR B 90 -30.53 11.69 -0.03
N ILE B 91 -29.74 10.77 0.51
CA ILE B 91 -28.29 10.91 0.53
C ILE B 91 -27.72 9.71 -0.25
N ILE B 92 -26.98 10.00 -1.31
CA ILE B 92 -26.44 8.96 -2.19
C ILE B 92 -24.93 8.88 -2.02
N THR B 93 -24.44 7.67 -1.76
CA THR B 93 -23.00 7.42 -1.69
C THR B 93 -22.57 6.28 -2.62
N GLU B 94 -21.27 6.13 -2.79
CA GLU B 94 -20.70 4.97 -3.46
C GLU B 94 -21.16 3.67 -2.78
N PHE B 95 -21.21 2.60 -3.56
CA PHE B 95 -21.52 1.27 -3.06
C PHE B 95 -20.20 0.49 -2.93
N MET B 96 -19.97 -0.09 -1.76
CA MET B 96 -18.75 -0.86 -1.54
C MET B 96 -19.05 -2.35 -1.65
N THR B 97 -18.40 -2.98 -2.63
CA THR B 97 -18.72 -4.35 -3.08
C THR B 97 -18.86 -5.39 -1.96
N TYR B 98 -17.90 -5.40 -1.04
CA TYR B 98 -17.81 -6.45 -0.03
C TYR B 98 -18.53 -6.16 1.28
N GLY B 99 -19.22 -5.01 1.35
CA GLY B 99 -20.06 -4.68 2.49
C GLY B 99 -19.27 -4.33 3.74
N ASN B 100 -19.90 -4.47 4.91
CA ASN B 100 -19.29 -4.03 6.17
C ASN B 100 -18.11 -4.90 6.62
N LEU B 101 -17.15 -4.26 7.27
CA LEU B 101 -15.90 -4.89 7.64
C LEU B 101 -16.02 -6.01 8.67
N LEU B 102 -16.97 -5.90 9.60
CA LEU B 102 -17.13 -6.94 10.62
C LEU B 102 -17.45 -8.30 9.99
N ASP B 103 -18.45 -8.31 9.11
CA ASP B 103 -18.87 -9.53 8.41
C ASP B 103 -17.78 -9.99 7.45
N TYR B 104 -17.16 -9.04 6.75
CA TYR B 104 -16.05 -9.37 5.87
C TYR B 104 -14.98 -10.18 6.61
N LEU B 105 -14.49 -9.62 7.72
CA LEU B 105 -13.48 -10.28 8.55
C LEU B 105 -13.91 -11.69 9.00
N ARG B 106 -15.17 -11.82 9.36
CA ARG B 106 -15.71 -13.07 9.89
C ARG B 106 -15.86 -14.17 8.84
N GLU B 107 -16.24 -13.78 7.63
CA GLU B 107 -16.56 -14.72 6.56
C GLU B 107 -15.40 -14.95 5.57
N CYS B 108 -14.35 -14.13 5.67
CA CYS B 108 -13.30 -14.13 4.66
C CYS B 108 -12.45 -15.40 4.64
N ASN B 109 -11.80 -15.64 3.50
CA ASN B 109 -10.82 -16.71 3.38
C ASN B 109 -9.51 -16.19 3.93
N ARG B 110 -9.01 -16.83 4.98
CA ARG B 110 -7.93 -16.25 5.80
C ARG B 110 -6.52 -16.28 5.19
N GLN B 111 -6.31 -17.12 4.17
CA GLN B 111 -5.02 -17.15 3.48
C GLN B 111 -4.83 -15.99 2.50
N GLU B 112 -5.94 -15.43 2.02
CA GLU B 112 -5.90 -14.23 1.19
C GLU B 112 -5.89 -12.95 2.04
N VAL B 113 -6.80 -12.88 3.00
CA VAL B 113 -6.82 -11.79 3.98
C VAL B 113 -5.79 -12.11 5.05
N SER B 114 -4.53 -11.83 4.74
CA SER B 114 -3.40 -12.21 5.58
C SER B 114 -3.02 -11.07 6.53
N ALA B 115 -1.95 -11.27 7.29
CA ALA B 115 -1.47 -10.26 8.22
C ALA B 115 -1.11 -8.94 7.53
N VAL B 116 -0.50 -9.01 6.34
CA VAL B 116 -0.22 -7.80 5.56
C VAL B 116 -1.50 -7.10 5.14
N VAL B 117 -2.53 -7.89 4.80
CA VAL B 117 -3.82 -7.34 4.40
C VAL B 117 -4.50 -6.69 5.61
N LEU B 118 -4.49 -7.39 6.75
CA LEU B 118 -5.02 -6.85 8.01
C LEU B 118 -4.35 -5.52 8.39
N LEU B 119 -3.02 -5.48 8.30
CA LEU B 119 -2.26 -4.26 8.56
C LEU B 119 -2.63 -3.15 7.57
N TYR B 120 -2.89 -3.51 6.31
CA TYR B 120 -3.28 -2.53 5.30
C TYR B 120 -4.63 -1.90 5.66
N MET B 121 -5.57 -2.73 6.08
CA MET B 121 -6.90 -2.24 6.48
C MET B 121 -6.82 -1.29 7.67
N ALA B 122 -6.08 -1.68 8.71
CA ALA B 122 -5.90 -0.85 9.89
C ALA B 122 -5.23 0.48 9.54
N THR B 123 -4.25 0.41 8.62
CA THR B 123 -3.54 1.59 8.15
C THR B 123 -4.52 2.52 7.42
N GLN B 124 -5.40 1.94 6.61
CA GLN B 124 -6.40 2.74 5.89
C GLN B 124 -7.31 3.46 6.87
N ILE B 125 -7.72 2.76 7.93
CA ILE B 125 -8.67 3.36 8.88
C ILE B 125 -7.99 4.50 9.65
N SER B 126 -6.74 4.30 10.05
CA SER B 126 -6.03 5.35 10.78
C SER B 126 -5.84 6.60 9.90
N SER B 127 -5.74 6.40 8.58
CA SER B 127 -5.59 7.50 7.62
C SER B 127 -6.86 8.36 7.59
N ALA B 128 -8.00 7.67 7.52
CA ALA B 128 -9.30 8.35 7.52
C ALA B 128 -9.46 9.13 8.80
N MET B 129 -9.09 8.51 9.92
CA MET B 129 -9.25 9.16 11.22
C MET B 129 -8.26 10.31 11.45
N GLU B 130 -7.05 10.21 10.88
CA GLU B 130 -6.10 11.31 10.92
C GLU B 130 -6.68 12.52 10.16
N TYR B 131 -7.40 12.23 9.08
CA TYR B 131 -8.07 13.29 8.33
C TYR B 131 -9.13 14.00 9.18
N LEU B 132 -10.01 13.24 9.84
CA LEU B 132 -11.07 13.84 10.67
C LEU B 132 -10.48 14.63 11.84
N GLU B 133 -9.41 14.08 12.41
CA GLU B 133 -8.68 14.72 13.51
C GLU B 133 -8.25 16.13 13.08
N LYS B 134 -7.60 16.20 11.91
CA LYS B 134 -7.14 17.46 11.32
C LYS B 134 -8.29 18.44 11.03
N LYS B 135 -9.42 17.90 10.59
CA LYS B 135 -10.58 18.73 10.25
C LYS B 135 -11.41 19.11 11.47
N ASN B 136 -10.96 18.67 12.65
CA ASN B 136 -11.66 18.91 13.92
C ASN B 136 -13.04 18.26 13.98
N PHE B 137 -13.18 17.11 13.32
CA PHE B 137 -14.38 16.28 13.46
C PHE B 137 -14.13 15.16 14.46
N ILE B 138 -15.21 14.64 15.02
CA ILE B 138 -15.16 13.48 15.92
C ILE B 138 -16.03 12.43 15.22
N HIS B 139 -15.68 11.15 15.34
CA HIS B 139 -16.52 10.14 14.72
C HIS B 139 -17.68 9.76 15.63
N ARG B 140 -17.33 9.39 16.87
CA ARG B 140 -18.27 9.03 17.94
C ARG B 140 -18.73 7.55 17.98
N ASP B 141 -18.53 6.82 16.89
CA ASP B 141 -18.95 5.41 16.83
C ASP B 141 -18.06 4.55 15.92
N LEU B 142 -16.76 4.65 16.13
CA LEU B 142 -15.83 3.87 15.33
C LEU B 142 -15.84 2.40 15.77
N ALA B 143 -16.01 1.50 14.80
CA ALA B 143 -16.05 0.06 15.05
C ALA B 143 -16.06 -0.63 13.69
N ALA B 144 -15.71 -1.92 13.67
CA ALA B 144 -15.67 -2.67 12.40
C ALA B 144 -17.03 -2.66 11.68
N ARG B 145 -18.12 -2.69 12.44
CA ARG B 145 -19.48 -2.62 11.89
C ARG B 145 -19.75 -1.33 11.11
N ASN B 146 -18.97 -0.28 11.36
CA ASN B 146 -19.14 1.00 10.65
C ASN B 146 -18.12 1.24 9.53
N CYS B 147 -17.41 0.20 9.12
CA CYS B 147 -16.46 0.34 8.04
C CYS B 147 -16.91 -0.48 6.86
N LEU B 148 -16.47 -0.09 5.66
CA LEU B 148 -16.84 -0.78 4.42
C LEU B 148 -15.63 -1.32 3.68
N VAL B 149 -15.82 -2.45 3.01
CA VAL B 149 -14.72 -3.07 2.24
C VAL B 149 -15.02 -3.00 0.75
N GLY B 150 -14.07 -2.46 -0.01
CA GLY B 150 -14.20 -2.34 -1.46
C GLY B 150 -13.30 -3.32 -2.20
N GLU B 151 -13.02 -3.01 -3.48
CA GLU B 151 -12.10 -3.80 -4.29
C GLU B 151 -10.68 -3.68 -3.77
N ASN B 152 -9.91 -4.76 -3.93
CA ASN B 152 -8.48 -4.75 -3.58
C ASN B 152 -8.21 -4.40 -2.10
N HIS B 153 -9.11 -4.85 -1.24
CA HIS B 153 -8.99 -4.68 0.21
C HIS B 153 -9.02 -3.20 0.62
N LEU B 154 -9.61 -2.37 -0.24
CA LEU B 154 -9.87 -0.96 0.06
C LEU B 154 -10.87 -0.91 1.22
N VAL B 155 -10.57 -0.07 2.20
CA VAL B 155 -11.46 0.11 3.36
C VAL B 155 -11.80 1.57 3.56
N LYS B 156 -13.07 1.83 3.81
CA LYS B 156 -13.51 3.19 4.09
C LYS B 156 -14.32 3.21 5.38
N VAL B 157 -14.13 4.29 6.14
CA VAL B 157 -14.85 4.53 7.37
C VAL B 157 -16.16 5.22 7.01
N ALA B 158 -17.24 4.73 7.63
CA ALA B 158 -18.57 5.27 7.43
C ALA B 158 -19.20 5.52 8.79
N ASP B 159 -20.42 6.05 8.78
CA ASP B 159 -21.17 6.18 10.03
C ASP B 159 -22.64 5.94 9.69
N PHE B 160 -23.14 4.76 10.08
CA PHE B 160 -24.48 4.32 9.68
C PHE B 160 -25.56 4.71 10.68
N GLY B 161 -25.18 5.41 11.75
CA GLY B 161 -26.09 5.77 12.85
C GLY B 161 -26.85 4.55 13.40
N LEU B 162 -26.10 3.50 13.70
CA LEU B 162 -26.67 2.19 14.06
C LEU B 162 -27.32 2.10 15.45
N SER B 163 -26.97 3.04 16.33
CA SER B 163 -27.36 2.99 17.75
C SER B 163 -28.75 2.38 18.03
N ARG B 164 -29.79 2.95 17.40
CA ARG B 164 -31.16 2.47 17.58
C ARG B 164 -31.63 1.50 16.48
N LEU B 165 -30.94 1.53 15.33
CA LEU B 165 -31.27 0.65 14.21
C LEU B 165 -30.90 -0.80 14.51
N MET B 166 -29.62 -1.03 14.82
CA MET B 166 -29.13 -2.35 15.18
C MET B 166 -29.76 -2.83 16.49
N THR B 167 -30.61 -3.85 16.38
CA THR B 167 -31.27 -4.42 17.54
C THR B 167 -30.57 -5.72 17.97
N GLY B 168 -29.82 -5.62 19.05
CA GLY B 168 -29.07 -6.74 19.60
C GLY B 168 -28.45 -6.38 20.94
N ASP B 169 -27.22 -6.85 21.15
CA ASP B 169 -26.50 -6.60 22.40
C ASP B 169 -25.42 -5.51 22.25
N THR B 170 -25.10 -5.17 21.01
CA THR B 170 -24.04 -4.21 20.69
C THR B 170 -24.32 -2.84 21.33
N TYR B 171 -25.50 -2.29 21.07
CA TYR B 171 -25.91 -1.03 21.70
C TYR B 171 -26.91 -1.33 22.80
N THR B 172 -26.65 -0.80 23.98
CA THR B 172 -27.56 -0.94 25.13
C THR B 172 -27.83 0.42 25.77
N ALA B 173 -28.91 0.52 26.55
CA ALA B 173 -29.37 1.76 27.16
C ALA B 173 -28.32 2.36 28.10
N HIS B 174 -27.98 3.63 27.85
CA HIS B 174 -27.00 4.35 28.66
C HIS B 174 -27.25 5.86 28.56
N ALA B 175 -27.51 6.48 29.70
CA ALA B 175 -27.72 7.93 29.80
C ALA B 175 -28.75 8.52 28.81
N GLY B 176 -29.87 7.83 28.64
CA GLY B 176 -30.94 8.28 27.75
C GLY B 176 -30.79 7.86 26.30
N ALA B 177 -29.55 7.52 25.91
CA ALA B 177 -29.27 7.04 24.56
C ALA B 177 -28.77 5.59 24.60
N LYS B 178 -28.32 5.08 23.46
CA LYS B 178 -27.76 3.73 23.39
C LYS B 178 -26.27 3.77 23.02
N PHE B 179 -25.45 3.14 23.85
CA PHE B 179 -24.00 3.14 23.69
C PHE B 179 -23.49 1.76 23.31
N PRO B 180 -22.49 1.69 22.42
CA PRO B 180 -21.79 0.42 22.24
C PRO B 180 -20.74 0.33 23.35
N ILE B 181 -21.18 -0.07 24.56
CA ILE B 181 -20.35 -0.02 25.76
C ILE B 181 -18.91 -0.50 25.52
N LYS B 182 -18.75 -1.64 24.86
CA LYS B 182 -17.42 -2.24 24.70
C LYS B 182 -16.43 -1.48 23.80
N TRP B 183 -16.92 -0.49 23.06
CA TRP B 183 -16.06 0.34 22.22
C TRP B 183 -15.89 1.74 22.82
N THR B 184 -16.57 2.00 23.94
CA THR B 184 -16.70 3.36 24.46
C THR B 184 -15.64 3.70 25.51
N ALA B 185 -14.96 4.83 25.32
CA ALA B 185 -13.95 5.26 26.28
C ALA B 185 -14.56 5.56 27.67
N PRO B 186 -13.78 5.36 28.75
CA PRO B 186 -14.28 5.51 30.13
C PRO B 186 -14.91 6.88 30.43
N GLU B 187 -14.28 7.95 29.95
CA GLU B 187 -14.84 9.31 30.12
C GLU B 187 -16.18 9.52 29.39
N SER B 188 -16.37 8.82 28.26
CA SER B 188 -17.61 8.86 27.50
C SER B 188 -18.70 8.07 28.24
N LEU B 189 -18.32 6.94 28.82
CA LEU B 189 -19.26 6.15 29.63
C LEU B 189 -19.68 6.90 30.91
N ALA B 190 -18.69 7.47 31.61
CA ALA B 190 -18.94 8.12 32.90
C ALA B 190 -19.60 9.51 32.77
N TYR B 191 -19.08 10.34 31.88
CA TYR B 191 -19.42 11.77 31.84
C TYR B 191 -19.97 12.24 30.50
N ASN B 192 -20.23 11.30 29.58
CA ASN B 192 -20.66 11.61 28.21
C ASN B 192 -19.73 12.58 27.48
N LYS B 193 -18.44 12.49 27.81
CA LYS B 193 -17.41 13.30 27.19
C LYS B 193 -16.85 12.59 25.96
N PHE B 194 -17.13 13.15 24.78
CA PHE B 194 -16.63 12.60 23.52
C PHE B 194 -15.64 13.55 22.87
N SER B 195 -14.58 12.97 22.30
CA SER B 195 -13.53 13.73 21.66
C SER B 195 -12.81 12.85 20.67
N ILE B 196 -11.82 13.42 19.97
CA ILE B 196 -10.99 12.61 19.10
C ILE B 196 -10.23 11.54 19.88
N LYS B 197 -9.95 11.82 21.16
CA LYS B 197 -9.28 10.85 22.02
C LYS B 197 -10.17 9.67 22.41
N SER B 198 -11.48 9.91 22.48
CA SER B 198 -12.42 8.78 22.67
C SER B 198 -12.54 7.97 21.37
N ASP B 199 -12.42 8.63 20.22
CA ASP B 199 -12.27 7.90 18.96
C ASP B 199 -11.00 7.01 18.97
N VAL B 200 -9.92 7.52 19.57
CA VAL B 200 -8.68 6.75 19.62
C VAL B 200 -8.87 5.45 20.43
N TRP B 201 -9.58 5.55 21.55
CA TRP B 201 -9.91 4.36 22.36
C TRP B 201 -10.69 3.34 21.50
N ALA B 202 -11.70 3.82 20.79
CA ALA B 202 -12.53 2.93 19.95
C ALA B 202 -11.68 2.30 18.85
N PHE B 203 -10.73 3.08 18.33
CA PHE B 203 -9.85 2.53 17.31
C PHE B 203 -9.04 1.34 17.86
N GLY B 204 -8.55 1.45 19.09
CA GLY B 204 -7.91 0.31 19.77
C GLY B 204 -8.78 -0.93 19.79
N VAL B 205 -10.06 -0.76 20.13
CA VAL B 205 -11.01 -1.88 20.08
C VAL B 205 -11.20 -2.39 18.65
N LEU B 206 -11.32 -1.46 17.69
CA LEU B 206 -11.43 -1.83 16.29
C LEU B 206 -10.17 -2.61 15.83
N LEU B 207 -9.00 -2.15 16.27
CA LEU B 207 -7.73 -2.86 15.99
C LEU B 207 -7.74 -4.29 16.51
N TRP B 208 -8.30 -4.49 17.72
CA TRP B 208 -8.50 -5.82 18.28
C TRP B 208 -9.47 -6.64 17.43
N GLU B 209 -10.54 -6.00 16.95
CA GLU B 209 -11.51 -6.64 16.07
C GLU B 209 -10.80 -7.11 14.79
N ILE B 210 -9.93 -6.28 14.25
CA ILE B 210 -9.15 -6.65 13.05
C ILE B 210 -8.24 -7.84 13.38
N ALA B 211 -7.47 -7.70 14.46
CA ALA B 211 -6.48 -8.72 14.88
C ALA B 211 -7.08 -10.10 15.18
N THR B 212 -8.40 -10.14 15.39
CA THR B 212 -9.09 -11.39 15.76
C THR B 212 -10.04 -11.86 14.68
N TYR B 213 -9.92 -11.30 13.48
CA TYR B 213 -10.85 -11.59 12.38
C TYR B 213 -12.29 -11.46 12.83
N GLY B 214 -12.57 -10.40 13.61
CA GLY B 214 -13.95 -10.05 13.91
C GLY B 214 -14.60 -10.67 15.12
N MET B 215 -13.82 -11.07 16.11
CA MET B 215 -14.40 -11.54 17.36
C MET B 215 -15.05 -10.37 18.10
N SER B 216 -16.01 -10.70 18.96
CA SER B 216 -16.66 -9.72 19.82
C SER B 216 -15.74 -9.39 20.99
N PRO B 217 -15.59 -8.09 21.33
CA PRO B 217 -14.63 -7.71 22.38
C PRO B 217 -15.07 -8.11 23.79
N TYR B 218 -14.10 -8.16 24.71
CA TYR B 218 -14.32 -8.61 26.11
C TYR B 218 -15.19 -9.86 26.14
N PRO B 219 -14.72 -10.94 25.50
CA PRO B 219 -15.52 -12.15 25.32
C PRO B 219 -16.05 -12.70 26.66
N GLY B 220 -17.35 -12.93 26.73
CA GLY B 220 -17.97 -13.49 27.93
C GLY B 220 -18.14 -12.56 29.11
N ILE B 221 -17.68 -11.32 28.96
CA ILE B 221 -17.72 -10.35 30.05
C ILE B 221 -18.98 -9.53 30.07
N ASP B 222 -19.65 -9.61 31.22
CA ASP B 222 -20.77 -8.80 31.65
C ASP B 222 -20.57 -7.31 31.30
N LEU B 223 -21.43 -6.79 30.42
CA LEU B 223 -21.40 -5.37 30.00
C LEU B 223 -21.34 -4.40 31.19
N SER B 224 -22.07 -4.74 32.25
CA SER B 224 -22.16 -3.92 33.44
C SER B 224 -20.91 -3.98 34.31
N GLN B 225 -19.97 -4.85 33.94
CA GLN B 225 -18.73 -4.98 34.68
C GLN B 225 -17.54 -4.36 33.93
N VAL B 226 -17.80 -3.89 32.71
CA VAL B 226 -16.71 -3.40 31.86
C VAL B 226 -16.04 -2.14 32.44
N TYR B 227 -16.83 -1.13 32.78
CA TYR B 227 -16.26 0.11 33.30
C TYR B 227 -15.42 -0.15 34.55
N GLU B 228 -15.99 -0.91 35.49
CA GLU B 228 -15.27 -1.30 36.71
C GLU B 228 -13.91 -1.97 36.45
N LEU B 229 -13.88 -2.93 35.53
CA LEU B 229 -12.63 -3.58 35.14
C LEU B 229 -11.63 -2.61 34.57
N LEU B 230 -12.08 -1.76 33.66
CA LEU B 230 -11.19 -0.80 33.03
C LEU B 230 -10.60 0.14 34.07
N GLU B 231 -11.44 0.55 35.02
CA GLU B 231 -11.03 1.46 36.12
C GLU B 231 -9.98 0.82 37.04
N LYS B 232 -9.99 -0.52 37.13
CA LYS B 232 -9.00 -1.28 37.90
C LYS B 232 -7.84 -1.78 37.03
N ASP B 233 -7.71 -1.20 35.85
CA ASP B 233 -6.59 -1.41 34.94
C ASP B 233 -6.61 -2.72 34.15
N TYR B 234 -7.75 -3.40 34.12
CA TYR B 234 -7.90 -4.52 33.19
C TYR B 234 -8.00 -4.02 31.74
N ARG B 235 -7.31 -4.70 30.84
CA ARG B 235 -7.46 -4.54 29.39
C ARG B 235 -7.49 -5.90 28.73
N MET B 236 -8.10 -6.00 27.54
CA MET B 236 -8.12 -7.23 26.75
C MET B 236 -6.71 -7.73 26.51
N GLU B 237 -6.56 -9.05 26.48
CA GLU B 237 -5.25 -9.65 26.26
C GLU B 237 -4.89 -9.63 24.78
N ARG B 238 -3.59 -9.70 24.53
CA ARG B 238 -3.07 -9.82 23.19
C ARG B 238 -3.71 -11.02 22.50
N PRO B 239 -4.36 -10.79 21.35
CA PRO B 239 -5.00 -11.86 20.57
C PRO B 239 -3.96 -12.86 20.09
N GLU B 240 -4.40 -14.07 19.75
CA GLU B 240 -3.51 -15.11 19.26
C GLU B 240 -2.83 -14.65 17.97
N GLY B 241 -1.49 -14.72 17.98
CA GLY B 241 -0.70 -14.37 16.80
C GLY B 241 -0.45 -12.90 16.59
N CYS B 242 -0.88 -12.05 17.53
CA CYS B 242 -0.74 -10.62 17.38
C CYS B 242 0.67 -10.13 17.70
N PRO B 243 1.34 -9.47 16.74
CA PRO B 243 2.66 -8.91 16.99
C PRO B 243 2.65 -8.02 18.22
N GLU B 244 3.74 -8.04 18.97
CA GLU B 244 3.84 -7.29 20.21
C GLU B 244 3.70 -5.77 20.00
N LYS B 245 4.21 -5.28 18.87
CA LYS B 245 4.15 -3.86 18.57
C LYS B 245 2.72 -3.39 18.29
N VAL B 246 1.93 -4.24 17.62
CA VAL B 246 0.51 -3.96 17.39
C VAL B 246 -0.26 -3.96 18.71
N TYR B 247 0.06 -4.90 19.61
CA TYR B 247 -0.59 -4.91 20.92
C TYR B 247 -0.19 -3.68 21.75
N GLU B 248 1.08 -3.27 21.67
CA GLU B 248 1.53 -2.05 22.32
C GLU B 248 0.72 -0.84 21.87
N LEU B 249 0.41 -0.81 20.57
CA LEU B 249 -0.40 0.25 20.00
C LEU B 249 -1.83 0.21 20.57
N MET B 250 -2.43 -0.97 20.61
CA MET B 250 -3.74 -1.16 21.28
C MET B 250 -3.70 -0.57 22.70
N ARG B 251 -2.72 -0.98 23.50
CA ARG B 251 -2.63 -0.55 24.89
C ARG B 251 -2.48 0.98 25.03
N ALA B 252 -1.77 1.59 24.10
CA ALA B 252 -1.63 3.04 24.07
C ALA B 252 -2.97 3.73 23.82
N CYS B 253 -3.74 3.19 22.87
CA CYS B 253 -5.11 3.67 22.63
C CYS B 253 -6.00 3.54 23.85
N TRP B 254 -5.69 2.59 24.73
CA TRP B 254 -6.54 2.34 25.89
C TRP B 254 -6.02 2.96 27.20
N GLN B 255 -5.20 4.02 27.09
CA GLN B 255 -4.79 4.73 28.29
C GLN B 255 -5.99 5.35 28.98
N TRP B 256 -6.04 5.24 30.29
CA TRP B 256 -7.15 5.80 31.07
C TRP B 256 -7.38 7.29 30.79
N ASN B 257 -6.32 8.09 30.93
CA ASN B 257 -6.36 9.52 30.64
C ASN B 257 -6.34 9.78 29.13
N PRO B 258 -7.38 10.47 28.61
CA PRO B 258 -7.48 10.72 27.16
C PRO B 258 -6.22 11.39 26.58
N SER B 259 -5.66 12.34 27.32
CA SER B 259 -4.48 13.06 26.85
C SER B 259 -3.22 12.20 26.76
N ASP B 260 -3.26 11.00 27.36
CA ASP B 260 -2.14 10.04 27.29
C ASP B 260 -2.18 9.18 26.03
N ARG B 261 -3.32 9.18 25.35
CA ARG B 261 -3.49 8.35 24.16
C ARG B 261 -2.82 9.02 22.95
N PRO B 262 -2.32 8.21 22.01
CA PRO B 262 -1.69 8.82 20.84
C PRO B 262 -2.71 9.51 19.94
N SER B 263 -2.25 10.45 19.11
CA SER B 263 -3.08 11.01 18.06
C SER B 263 -3.18 10.03 16.89
N PHE B 264 -4.18 10.23 16.05
CA PHE B 264 -4.30 9.46 14.82
C PHE B 264 -3.14 9.71 13.86
N ALA B 265 -2.60 10.93 13.88
CA ALA B 265 -1.38 11.22 13.13
C ALA B 265 -0.24 10.29 13.56
N GLU B 266 -0.07 10.14 14.87
CA GLU B 266 0.94 9.27 15.45
C GLU B 266 0.67 7.79 15.23
N ILE B 267 -0.60 7.40 15.32
CA ILE B 267 -1.01 6.04 15.04
C ILE B 267 -0.69 5.67 13.60
N HIS B 268 -1.06 6.53 12.65
CA HIS B 268 -0.87 6.23 11.24
C HIS B 268 0.62 6.08 10.89
N GLN B 269 1.46 6.93 11.47
CA GLN B 269 2.90 6.85 11.26
C GLN B 269 3.47 5.57 11.86
N ALA B 270 2.97 5.20 13.03
CA ALA B 270 3.40 3.98 13.70
C ALA B 270 3.20 2.75 12.81
N PHE B 271 2.10 2.73 12.07
CA PHE B 271 1.79 1.60 11.18
C PHE B 271 2.74 1.49 9.98
N GLU B 272 3.28 2.63 9.53
CA GLU B 272 4.13 2.65 8.34
C GLU B 272 5.63 2.70 8.64
N THR B 273 5.98 2.64 9.92
CA THR B 273 7.38 2.48 10.34
C THR B 273 7.53 1.33 11.33
N MET B 274 6.42 0.61 11.57
CA MET B 274 6.38 -0.46 12.56
C MET B 274 7.21 -1.68 12.17
N PHE B 275 7.08 -2.11 10.92
CA PHE B 275 7.69 -3.36 10.47
C PHE B 275 8.86 -3.17 9.50
N GLN B 276 9.69 -2.18 9.76
CA GLN B 276 10.86 -1.89 8.91
C GLN B 276 12.06 -2.77 9.23
N GLU B 277 12.16 -3.18 10.50
CA GLU B 277 13.23 -4.08 10.94
C GLU B 277 12.82 -5.55 10.95
N SER B 278 11.57 -5.83 10.54
CA SER B 278 11.04 -7.19 10.46
C SER B 278 9.65 -7.24 9.81
N SER B 279 9.39 -8.28 9.02
CA SER B 279 8.09 -8.50 8.37
C SER B 279 6.95 -8.78 9.37
N ILE B 280 5.74 -8.33 9.04
CA ILE B 280 4.58 -8.56 9.90
C ILE B 280 4.11 -10.03 9.89
N SER B 281 4.03 -10.63 8.70
CA SER B 281 3.67 -12.05 8.58
C SER B 281 4.71 -12.96 9.27
N ASP B 282 5.95 -12.49 9.33
CA ASP B 282 7.02 -13.17 10.05
C ASP B 282 6.84 -13.06 11.56
N GLU B 283 6.58 -11.84 12.05
CA GLU B 283 6.35 -11.61 13.47
C GLU B 283 5.11 -12.33 13.99
N VAL B 284 4.10 -12.46 13.13
CA VAL B 284 2.92 -13.27 13.42
C VAL B 284 3.30 -14.74 13.57
N GLU B 285 4.07 -15.26 12.61
CA GLU B 285 4.48 -16.67 12.66
C GLU B 285 5.43 -16.96 13.83
N LYS B 286 6.30 -16.00 14.12
CA LYS B 286 7.14 -16.04 15.33
C LYS B 286 6.29 -16.19 16.58
N GLU B 287 5.23 -15.37 16.67
CA GLU B 287 4.31 -15.40 17.81
C GLU B 287 3.50 -16.69 17.90
N LEU B 288 3.15 -17.25 16.75
CA LEU B 288 2.34 -18.47 16.72
C LEU B 288 3.14 -19.71 17.11
#